data_8ILU
#
_entry.id   8ILU
#
_cell.length_a   40.730
_cell.length_b   49.600
_cell.length_c   60.550
_cell.angle_alpha   90.00
_cell.angle_beta   94.16
_cell.angle_gamma   90.00
#
_symmetry.space_group_name_H-M   'P 1 21 1'
#
loop_
_entity.id
_entity.type
_entity.pdbx_description
1 polymer Galectin-3
2 non-polymer (2R,3R,4R,5R,6S)-2-(hydroxymethyl)-6-[2-(2-methyl-1,3-benzothiazol-6-yl)-1,2,4-triazol-3-yl]-4-[4-[3,4,5-tris(fluoranyl)phenyl]-1,2,3-triazol-1-yl]oxane-3,5-diol
3 non-polymer 'THIOCYANATE ION'
4 non-polymer 'SODIUM ION'
5 water water
#
_entity_poly.entity_id   1
_entity_poly.type   'polypeptide(L)'
_entity_poly.pdbx_seq_one_letter_code
;GHMGVPAGPLTVPYDLPLPGGVMPRMLITIMGTVKPNANRIVLDFRRGNDVAFHFNPRFNENNRRVIVCNTKQDNNWGKE
ERQSAFPFESGKPFKIQVLVEADHFKVAVNDAHLLQYNHRMKNLREISQLGISGDITLTSANHAMI
;
_entity_poly.pdbx_strand_id   A,B
#
# COMPACT_ATOMS: atom_id res chain seq x y z
N LEU A 10 -13.33 -28.39 -1.82
CA LEU A 10 -13.25 -27.74 -0.47
C LEU A 10 -14.58 -27.02 -0.24
N THR A 11 -15.05 -26.98 1.00
CA THR A 11 -16.24 -26.15 1.34
C THR A 11 -15.89 -24.82 1.98
N VAL A 12 -16.68 -23.78 1.66
CA VAL A 12 -16.40 -22.45 2.16
C VAL A 12 -17.37 -22.26 3.29
N PRO A 13 -16.93 -21.70 4.41
CA PRO A 13 -15.63 -21.13 4.74
C PRO A 13 -14.65 -22.25 4.91
N TYR A 14 -13.38 -21.99 4.61
CA TYR A 14 -12.36 -23.02 4.70
C TYR A 14 -11.17 -22.39 5.43
N ASP A 15 -10.60 -23.12 6.37
CA ASP A 15 -9.37 -22.71 7.05
C ASP A 15 -8.18 -23.51 6.58
N LEU A 16 -7.27 -22.83 5.91
CA LEU A 16 -6.12 -23.50 5.33
C LEU A 16 -5.04 -23.52 6.42
N PRO A 17 -4.64 -24.70 6.91
CA PRO A 17 -3.68 -24.66 8.02
C PRO A 17 -2.32 -24.27 7.47
N LEU A 18 -1.57 -23.51 8.28
CA LEU A 18 -0.26 -23.11 7.96
C LEU A 18 0.65 -23.65 9.04
N PRO A 19 1.09 -24.92 8.88
CA PRO A 19 1.61 -25.74 9.98
C PRO A 19 2.85 -25.19 10.65
N GLY A 20 3.72 -24.54 9.89
CA GLY A 20 4.87 -23.93 10.53
C GLY A 20 4.72 -22.42 10.61
N GLY A 21 3.48 -21.94 10.55
CA GLY A 21 3.19 -20.55 10.40
C GLY A 21 3.54 -19.98 9.02
N VAL A 22 3.58 -18.66 8.89
CA VAL A 22 4.03 -18.09 7.64
C VAL A 22 5.50 -17.65 7.74
N MET A 23 6.13 -17.59 6.58
CA MET A 23 7.53 -17.24 6.54
CA MET A 23 7.56 -17.31 6.53
C MET A 23 7.86 -16.76 5.16
N PRO A 24 8.93 -15.93 5.03
CA PRO A 24 9.27 -15.51 3.69
C PRO A 24 9.45 -16.69 2.72
N ARG A 25 8.87 -16.51 1.53
CA ARG A 25 8.96 -17.31 0.36
C ARG A 25 7.78 -18.24 0.28
N MET A 26 6.89 -18.20 1.27
CA MET A 26 5.72 -19.05 1.19
C MET A 26 4.77 -18.48 0.14
N LEU A 27 4.29 -19.34 -0.77
CA LEU A 27 3.30 -18.97 -1.74
C LEU A 27 1.99 -19.71 -1.52
N ILE A 28 0.90 -18.98 -1.35
CA ILE A 28 -0.35 -19.65 -1.19
C ILE A 28 -1.15 -19.44 -2.43
N THR A 29 -1.80 -20.49 -2.88
CA THR A 29 -2.53 -20.42 -4.21
C THR A 29 -3.91 -20.89 -3.95
N ILE A 30 -4.90 -20.06 -4.29
CA ILE A 30 -6.31 -20.41 -4.04
CA ILE A 30 -6.32 -20.33 -4.01
C ILE A 30 -7.07 -20.27 -5.34
N MET A 31 -7.86 -21.28 -5.68
CA MET A 31 -8.69 -21.21 -6.92
C MET A 31 -10.14 -21.37 -6.49
N GLY A 32 -11.02 -20.55 -7.07
CA GLY A 32 -12.42 -20.70 -6.83
C GLY A 32 -13.23 -19.93 -7.84
N THR A 33 -14.46 -19.61 -7.44
CA THR A 33 -15.37 -18.85 -8.29
C THR A 33 -16.15 -17.87 -7.38
N VAL A 34 -16.31 -16.64 -7.83
CA VAL A 34 -17.17 -15.68 -7.14
C VAL A 34 -18.62 -16.01 -7.44
N LYS A 35 -19.48 -15.97 -6.46
CA LYS A 35 -20.91 -16.17 -6.64
C LYS A 35 -21.53 -15.06 -7.45
N PRO A 36 -22.55 -15.38 -8.27
CA PRO A 36 -23.04 -14.29 -9.19
C PRO A 36 -23.61 -13.10 -8.43
N ASN A 37 -24.14 -13.31 -7.23
CA ASN A 37 -24.63 -12.15 -6.45
C ASN A 37 -23.73 -11.78 -5.25
N ALA A 38 -22.41 -11.92 -5.43
CA ALA A 38 -21.42 -11.70 -4.38
C ALA A 38 -21.47 -10.28 -3.84
N ASN A 39 -21.32 -10.17 -2.50
CA ASN A 39 -21.26 -8.88 -1.89
C ASN A 39 -19.86 -8.67 -1.32
N ARG A 40 -19.24 -9.74 -0.80
CA ARG A 40 -17.97 -9.61 -0.07
C ARG A 40 -17.17 -10.91 -0.17
N ILE A 41 -15.84 -10.80 -0.09
CA ILE A 41 -14.92 -11.99 -0.06
C ILE A 41 -13.97 -11.65 1.08
N VAL A 42 -13.48 -12.64 1.82
CA VAL A 42 -12.51 -12.36 2.89
CA VAL A 42 -12.45 -12.33 2.82
C VAL A 42 -11.42 -13.43 2.96
N LEU A 43 -10.15 -13.00 3.02
CA LEU A 43 -8.99 -13.84 3.33
C LEU A 43 -8.43 -13.25 4.59
N ASP A 44 -8.26 -14.09 5.64
CA ASP A 44 -7.84 -13.68 7.01
C ASP A 44 -6.65 -14.51 7.47
N PHE A 45 -5.46 -13.89 7.58
CA PHE A 45 -4.33 -14.62 8.16
C PHE A 45 -4.44 -14.46 9.68
N ARG A 46 -4.74 -15.56 10.40
CA ARG A 46 -5.10 -15.51 11.82
C ARG A 46 -4.02 -15.94 12.74
N ARG A 47 -3.98 -15.27 13.88
CA ARG A 47 -3.11 -15.62 15.01
C ARG A 47 -4.03 -15.49 16.22
N GLY A 48 -4.72 -16.56 16.59
CA GLY A 48 -5.69 -16.45 17.71
C GLY A 48 -6.89 -15.58 17.39
N ASN A 49 -7.19 -14.63 18.24
CA ASN A 49 -8.17 -13.60 17.94
C ASN A 49 -7.65 -12.51 17.00
N ASP A 50 -6.36 -12.51 16.63
CA ASP A 50 -5.82 -11.39 15.86
C ASP A 50 -5.82 -11.80 14.41
N VAL A 51 -5.87 -10.82 13.53
CA VAL A 51 -5.80 -11.12 12.09
C VAL A 51 -4.61 -10.28 11.61
N ALA A 52 -3.51 -10.92 11.25
CA ALA A 52 -2.34 -10.17 10.79
C ALA A 52 -2.64 -9.40 9.50
N PHE A 53 -3.47 -9.98 8.62
CA PHE A 53 -3.76 -9.34 7.32
C PHE A 53 -5.12 -9.88 6.93
N HIS A 54 -6.05 -8.95 6.76
CA HIS A 54 -7.42 -9.22 6.35
C HIS A 54 -7.50 -8.59 4.99
N PHE A 55 -7.85 -9.43 3.98
CA PHE A 55 -8.02 -8.95 2.59
C PHE A 55 -9.50 -9.06 2.24
N ASN A 56 -10.16 -7.94 1.96
CA ASN A 56 -11.66 -7.90 1.88
C ASN A 56 -12.17 -7.17 0.65
N PRO A 57 -12.27 -7.90 -0.48
CA PRO A 57 -12.98 -7.32 -1.65
C PRO A 57 -14.48 -7.04 -1.30
N ARG A 58 -14.93 -5.80 -1.59
CA ARG A 58 -16.33 -5.42 -1.40
C ARG A 58 -16.90 -5.06 -2.75
N PHE A 59 -18.02 -5.71 -3.10
CA PHE A 59 -18.55 -5.51 -4.46
C PHE A 59 -19.44 -4.30 -4.56
N ASN A 60 -19.91 -3.81 -3.41
CA ASN A 60 -20.78 -2.60 -3.40
C ASN A 60 -20.67 -1.76 -2.16
N GLU A 61 -19.72 -0.83 -2.15
CA GLU A 61 -19.60 0.06 -1.02
C GLU A 61 -19.84 1.43 -1.64
N ASN A 62 -20.97 2.04 -1.30
CA ASN A 62 -21.40 3.31 -1.93
C ASN A 62 -21.35 3.24 -3.45
N ASN A 63 -21.84 2.11 -3.94
CA ASN A 63 -21.93 1.76 -5.36
C ASN A 63 -20.58 1.68 -6.08
N ARG A 64 -19.51 1.39 -5.33
CA ARG A 64 -18.20 1.14 -5.91
C ARG A 64 -17.71 -0.22 -5.46
N ARG A 65 -16.78 -0.75 -6.24
CA ARG A 65 -16.10 -2.00 -5.84
C ARG A 65 -14.77 -1.54 -5.29
N VAL A 66 -14.37 -2.13 -4.20
CA VAL A 66 -13.10 -1.70 -3.58
C VAL A 66 -12.58 -2.88 -2.80
N ILE A 67 -11.26 -2.92 -2.63
CA ILE A 67 -10.70 -3.95 -1.78
C ILE A 67 -10.14 -3.26 -0.56
N VAL A 68 -10.51 -3.75 0.61
CA VAL A 68 -10.10 -3.10 1.90
C VAL A 68 -9.21 -4.11 2.62
N CYS A 69 -8.03 -3.64 3.06
CA CYS A 69 -7.05 -4.44 3.78
C CYS A 69 -6.79 -3.82 5.11
N ASN A 70 -6.66 -4.68 6.12
CA ASN A 70 -6.38 -4.14 7.47
C ASN A 70 -5.83 -5.25 8.38
N THR A 71 -5.56 -4.90 9.65
CA THR A 71 -5.00 -5.83 10.63
C THR A 71 -5.84 -5.65 11.87
N LYS A 72 -6.16 -6.76 12.52
CA LYS A 72 -6.91 -6.66 13.80
C LYS A 72 -5.98 -7.20 14.86
N GLN A 73 -5.77 -6.38 15.90
CA GLN A 73 -4.86 -6.79 17.01
C GLN A 73 -5.56 -6.31 18.30
N ASP A 74 -5.63 -7.22 19.31
CA ASP A 74 -6.27 -6.88 20.59
C ASP A 74 -7.71 -6.46 20.37
N ASN A 75 -8.37 -7.12 19.40
CA ASN A 75 -9.74 -6.88 19.05
C ASN A 75 -10.05 -5.57 18.36
N ASN A 76 -9.03 -4.85 17.90
CA ASN A 76 -9.24 -3.56 17.28
C ASN A 76 -8.59 -3.52 15.91
N TRP A 77 -9.32 -2.94 14.98
CA TRP A 77 -8.81 -2.82 13.59
C TRP A 77 -7.92 -1.61 13.56
N GLY A 78 -7.03 -1.56 12.59
CA GLY A 78 -6.16 -0.43 12.41
C GLY A 78 -6.60 0.43 11.24
N LYS A 79 -5.60 1.02 10.61
CA LYS A 79 -5.77 1.98 9.50
C LYS A 79 -6.01 1.11 8.27
N GLU A 80 -7.01 1.42 7.46
CA GLU A 80 -7.28 0.60 6.27
C GLU A 80 -6.35 0.99 5.12
N GLU A 81 -5.98 0.01 4.30
CA GLU A 81 -5.33 0.28 2.95
C GLU A 81 -6.39 -0.16 1.95
N ARG A 82 -6.74 0.72 1.00
CA ARG A 82 -7.83 0.46 0.05
C ARG A 82 -7.31 0.39 -1.38
N GLN A 83 -7.94 -0.43 -2.23
CA GLN A 83 -7.39 -0.60 -3.63
C GLN A 83 -8.69 -0.47 -4.49
N SER A 84 -8.69 0.41 -5.51
CA SER A 84 -9.83 0.50 -6.42
C SER A 84 -9.66 -0.49 -7.57
N ALA A 85 -8.41 -0.93 -7.84
CA ALA A 85 -8.13 -1.96 -8.84
C ALA A 85 -8.86 -3.18 -8.35
N PHE A 86 -9.72 -3.78 -9.17
CA PHE A 86 -10.65 -4.79 -8.63
C PHE A 86 -10.83 -5.91 -9.67
N PRO A 87 -10.10 -7.04 -9.48
CA PRO A 87 -9.93 -7.92 -10.60
C PRO A 87 -11.03 -9.00 -10.55
N PHE A 88 -11.93 -8.95 -9.57
CA PHE A 88 -12.92 -10.04 -9.35
C PHE A 88 -14.13 -9.65 -10.16
N GLU A 89 -14.80 -10.63 -10.73
CA GLU A 89 -16.10 -10.38 -11.39
C GLU A 89 -17.06 -11.44 -10.85
N SER A 90 -18.26 -10.97 -10.52
CA SER A 90 -19.35 -11.79 -10.07
C SER A 90 -19.60 -12.95 -11.06
N GLY A 91 -19.78 -14.14 -10.49
CA GLY A 91 -19.94 -15.35 -11.32
C GLY A 91 -18.65 -15.94 -11.86
N LYS A 92 -17.49 -15.26 -11.74
CA LYS A 92 -16.31 -15.75 -12.55
C LYS A 92 -15.27 -16.52 -11.74
N PRO A 93 -14.59 -17.51 -12.36
CA PRO A 93 -13.48 -18.15 -11.65
C PRO A 93 -12.30 -17.20 -11.42
N PHE A 94 -11.48 -17.47 -10.41
CA PHE A 94 -10.30 -16.64 -10.19
C PHE A 94 -9.23 -17.56 -9.61
N LYS A 95 -8.06 -17.03 -9.57
CA LYS A 95 -6.92 -17.55 -8.90
C LYS A 95 -6.33 -16.39 -8.05
N ILE A 96 -6.16 -16.64 -6.75
CA ILE A 96 -5.47 -15.72 -5.88
C ILE A 96 -4.17 -16.36 -5.44
N GLN A 97 -3.05 -15.65 -5.60
CA GLN A 97 -1.77 -16.06 -5.00
C GLN A 97 -1.33 -15.04 -3.98
N VAL A 98 -0.85 -15.51 -2.83
CA VAL A 98 -0.31 -14.59 -1.84
C VAL A 98 1.12 -15.06 -1.61
N LEU A 99 2.05 -14.19 -1.91
CA LEU A 99 3.44 -14.45 -1.59
C LEU A 99 3.86 -13.75 -0.29
N VAL A 100 4.51 -14.46 0.60
CA VAL A 100 4.99 -13.82 1.82
C VAL A 100 6.42 -13.46 1.58
N GLU A 101 6.71 -12.17 1.74
CA GLU A 101 8.05 -11.71 1.72
C GLU A 101 8.45 -11.23 3.11
N ALA A 102 9.75 -10.97 3.25
CA ALA A 102 10.26 -10.50 4.55
C ALA A 102 9.56 -9.22 5.07
N ASP A 103 9.22 -8.34 4.13
CA ASP A 103 8.67 -7.02 4.49
C ASP A 103 7.16 -6.89 4.37
N HIS A 104 6.55 -7.70 3.54
CA HIS A 104 5.11 -7.51 3.16
C HIS A 104 4.51 -8.80 2.62
N PHE A 105 3.20 -8.88 2.54
CA PHE A 105 2.52 -9.87 1.74
C PHE A 105 2.35 -9.23 0.36
N LYS A 106 2.44 -10.05 -0.69
CA LYS A 106 2.09 -9.54 -2.03
C LYS A 106 0.99 -10.39 -2.55
N VAL A 107 -0.05 -9.78 -3.12
CA VAL A 107 -1.23 -10.53 -3.59
C VAL A 107 -1.37 -10.38 -5.10
N ALA A 108 -1.52 -11.48 -5.84
CA ALA A 108 -1.72 -11.38 -7.31
C ALA A 108 -3.06 -12.08 -7.55
N VAL A 109 -3.87 -11.54 -8.45
CA VAL A 109 -5.11 -12.23 -8.85
C VAL A 109 -5.12 -12.43 -10.36
N ASN A 110 -5.48 -13.65 -10.76
CA ASN A 110 -5.36 -14.09 -12.14
C ASN A 110 -4.05 -13.74 -12.78
N ASP A 111 -2.96 -14.04 -12.09
CA ASP A 111 -1.61 -13.77 -12.54
C ASP A 111 -1.15 -12.34 -12.72
N ALA A 112 -1.90 -11.37 -12.16
CA ALA A 112 -1.52 -9.97 -12.27
C ALA A 112 -1.36 -9.47 -10.82
N HIS A 113 -0.27 -8.74 -10.57
CA HIS A 113 -0.08 -8.10 -9.28
C HIS A 113 -1.25 -7.24 -8.90
N LEU A 114 -1.69 -7.34 -7.66
CA LEU A 114 -2.88 -6.60 -7.26
C LEU A 114 -2.43 -5.61 -6.17
N LEU A 115 -1.79 -6.10 -5.11
CA LEU A 115 -1.40 -5.18 -4.03
C LEU A 115 -0.33 -5.81 -3.16
N GLN A 116 0.25 -4.94 -2.31
CA GLN A 116 1.15 -5.42 -1.29
C GLN A 116 0.68 -4.89 0.04
N TYR A 117 1.07 -5.54 1.13
CA TYR A 117 0.59 -5.09 2.44
C TYR A 117 1.74 -5.28 3.39
N ASN A 118 2.33 -4.18 3.86
CA ASN A 118 3.47 -4.28 4.78
C ASN A 118 3.11 -5.02 6.05
N HIS A 119 4.03 -5.83 6.56
CA HIS A 119 3.69 -6.46 7.89
C HIS A 119 3.53 -5.47 9.04
N ARG A 120 2.45 -5.62 9.79
CA ARG A 120 2.16 -4.84 10.99
C ARG A 120 2.33 -5.73 12.19
N MET A 121 1.82 -6.95 12.10
CA MET A 121 2.12 -7.93 13.09
C MET A 121 3.37 -8.70 12.66
N LYS A 122 4.45 -8.53 13.42
CA LYS A 122 5.72 -8.95 12.93
C LYS A 122 6.05 -10.44 13.23
N ASN A 123 5.31 -11.08 14.11
CA ASN A 123 5.61 -12.49 14.51
C ASN A 123 4.99 -13.50 13.52
N LEU A 124 5.57 -13.66 12.33
CA LEU A 124 4.89 -14.37 11.24
C LEU A 124 4.71 -15.84 11.55
N ARG A 125 5.67 -16.36 12.33
CA ARG A 125 5.65 -17.81 12.60
C ARG A 125 4.46 -18.16 13.49
N GLU A 126 3.80 -17.15 14.09
CA GLU A 126 2.65 -17.37 14.95
C GLU A 126 1.35 -17.41 14.18
N ILE A 127 1.40 -17.09 12.89
CA ILE A 127 0.17 -17.11 12.09
C ILE A 127 -0.13 -18.53 11.74
N SER A 128 -1.24 -19.07 12.22
CA SER A 128 -1.43 -20.52 12.12
C SER A 128 -2.45 -21.00 11.09
N GLN A 129 -3.32 -20.10 10.63
CA GLN A 129 -4.34 -20.48 9.69
C GLN A 129 -4.66 -19.35 8.69
N LEU A 130 -5.06 -19.70 7.50
CA LEU A 130 -5.65 -18.72 6.55
C LEU A 130 -7.12 -19.04 6.33
N GLY A 131 -8.00 -18.19 6.81
CA GLY A 131 -9.44 -18.39 6.69
C GLY A 131 -9.86 -17.77 5.37
N ILE A 132 -10.66 -18.52 4.63
CA ILE A 132 -11.12 -18.11 3.34
C ILE A 132 -12.65 -18.14 3.42
N SER A 133 -13.32 -16.99 3.29
CA SER A 133 -14.79 -16.98 3.37
C SER A 133 -15.42 -15.86 2.55
N GLY A 134 -16.73 -15.65 2.77
CA GLY A 134 -17.55 -14.76 1.96
C GLY A 134 -18.11 -15.47 0.76
N ASP A 135 -18.33 -14.70 -0.31
CA ASP A 135 -19.22 -15.08 -1.39
C ASP A 135 -18.49 -15.80 -2.53
N ILE A 136 -17.89 -16.94 -2.16
CA ILE A 136 -17.10 -17.71 -3.13
C ILE A 136 -17.36 -19.21 -2.97
N THR A 137 -17.02 -19.93 -4.00
CA THR A 137 -16.89 -21.37 -4.01
C THR A 137 -15.39 -21.65 -4.23
N LEU A 138 -14.87 -22.74 -3.68
CA LEU A 138 -13.42 -23.04 -3.69
C LEU A 138 -13.19 -24.37 -4.37
N THR A 139 -12.33 -24.36 -5.35
CA THR A 139 -11.84 -25.51 -6.06
C THR A 139 -10.56 -26.05 -5.42
N SER A 140 -9.60 -25.20 -5.02
CA SER A 140 -8.43 -25.71 -4.30
C SER A 140 -7.77 -24.64 -3.48
N ALA A 141 -6.97 -25.06 -2.48
CA ALA A 141 -6.15 -24.05 -1.71
C ALA A 141 -4.94 -24.77 -1.16
N ASN A 142 -3.75 -24.33 -1.50
CA ASN A 142 -2.59 -25.03 -1.10
C ASN A 142 -1.50 -23.97 -0.84
N HIS A 143 -0.42 -24.41 -0.24
CA HIS A 143 0.75 -23.53 -0.03
C HIS A 143 2.01 -24.30 -0.40
N ALA A 144 3.03 -23.56 -0.84
CA ALA A 144 4.35 -24.11 -1.26
C ALA A 144 5.42 -23.11 -0.88
N MET A 145 6.69 -23.51 -1.00
CA MET A 145 7.77 -22.53 -0.86
C MET A 145 8.29 -22.28 -2.25
N ILE A 146 8.47 -21.03 -2.62
CA ILE A 146 9.11 -20.78 -3.88
C ILE A 146 10.49 -20.20 -3.63
N PRO B 9 25.58 11.32 0.27
CA PRO B 9 25.51 12.78 0.53
C PRO B 9 24.94 13.65 -0.64
N LEU B 10 23.61 13.80 -0.68
CA LEU B 10 22.86 14.55 -1.75
C LEU B 10 22.63 15.97 -1.27
N THR B 11 22.18 16.89 -2.15
CA THR B 11 21.82 18.27 -1.78
C THR B 11 20.30 18.50 -1.94
N VAL B 12 19.79 19.55 -1.30
CA VAL B 12 18.36 19.89 -1.34
C VAL B 12 18.16 21.35 -1.72
N PRO B 13 17.22 21.69 -2.65
CA PRO B 13 16.31 20.76 -3.38
C PRO B 13 17.02 19.74 -4.26
N TYR B 14 16.41 18.57 -4.45
CA TYR B 14 16.96 17.55 -5.28
C TYR B 14 15.92 17.03 -6.23
N ASP B 15 16.14 17.12 -7.55
CA ASP B 15 15.13 16.63 -8.51
C ASP B 15 15.67 15.28 -8.99
N LEU B 16 15.13 14.20 -8.44
CA LEU B 16 15.56 12.84 -8.82
C LEU B 16 14.96 12.48 -10.18
N PRO B 17 15.82 12.24 -11.19
CA PRO B 17 15.11 11.95 -12.45
C PRO B 17 14.51 10.54 -12.44
N LEU B 18 13.38 10.41 -13.09
CA LEU B 18 12.69 9.12 -13.21
C LEU B 18 12.56 8.99 -14.71
N PRO B 19 13.70 8.67 -15.35
CA PRO B 19 13.85 8.81 -16.80
C PRO B 19 12.66 8.17 -17.55
N GLY B 20 12.38 6.89 -17.27
CA GLY B 20 11.27 6.21 -17.97
C GLY B 20 9.84 6.54 -17.55
N GLY B 21 9.65 7.47 -16.58
CA GLY B 21 8.37 7.62 -15.87
C GLY B 21 8.21 6.65 -14.69
N VAL B 22 7.04 6.64 -14.05
CA VAL B 22 6.82 5.69 -12.96
C VAL B 22 6.00 4.54 -13.49
N MET B 23 6.03 3.44 -12.79
CA MET B 23 5.29 2.22 -13.15
C MET B 23 4.84 1.51 -11.89
N PRO B 24 3.83 0.69 -11.99
CA PRO B 24 3.38 -0.12 -10.88
C PRO B 24 4.53 -0.94 -10.42
N ARG B 25 4.61 -1.03 -9.09
CA ARG B 25 5.63 -1.78 -8.39
C ARG B 25 6.93 -1.04 -8.21
N MET B 26 7.04 0.22 -8.68
CA MET B 26 8.22 1.01 -8.39
C MET B 26 8.16 1.50 -6.96
N LEU B 27 9.25 1.28 -6.25
CA LEU B 27 9.41 1.68 -4.85
C LEU B 27 10.50 2.67 -4.72
N ILE B 28 10.10 3.91 -4.40
CA ILE B 28 11.10 4.97 -4.22
C ILE B 28 11.46 5.08 -2.77
N THR B 29 12.75 5.16 -2.43
CA THR B 29 13.13 5.20 -1.01
C THR B 29 13.97 6.47 -0.86
N ILE B 30 13.55 7.33 0.05
CA ILE B 30 14.25 8.58 0.39
C ILE B 30 14.69 8.50 1.85
N MET B 31 15.97 8.78 2.12
CA MET B 31 16.53 8.75 3.48
C MET B 31 17.14 10.07 3.78
N GLY B 32 16.86 10.62 4.96
CA GLY B 32 17.50 11.85 5.30
C GLY B 32 17.11 12.18 6.73
N THR B 33 17.25 13.46 7.06
CA THR B 33 16.99 13.94 8.40
C THR B 33 16.15 15.22 8.35
N VAL B 34 15.18 15.35 9.26
CA VAL B 34 14.41 16.56 9.37
C VAL B 34 15.28 17.61 10.04
N LYS B 35 15.37 18.78 9.42
CA LYS B 35 16.17 19.91 10.02
C LYS B 35 15.64 20.23 11.43
N PRO B 36 16.48 20.71 12.34
CA PRO B 36 16.00 20.89 13.75
C PRO B 36 14.75 21.75 14.04
N ASN B 37 14.52 22.76 13.27
CA ASN B 37 13.31 23.61 13.52
C ASN B 37 12.51 23.67 12.21
N ALA B 38 12.39 22.51 11.58
CA ALA B 38 11.66 22.38 10.27
C ALA B 38 10.24 22.96 10.29
N ASN B 39 9.83 23.55 9.20
CA ASN B 39 8.48 23.99 9.11
C ASN B 39 7.71 23.17 8.06
N ARG B 40 8.38 22.77 6.98
CA ARG B 40 7.68 22.01 5.90
C ARG B 40 8.66 21.14 5.14
N ILE B 41 8.10 20.08 4.57
CA ILE B 41 8.85 19.17 3.71
C ILE B 41 8.00 18.94 2.46
N VAL B 42 8.59 18.73 1.26
CA VAL B 42 7.79 18.45 0.03
CA VAL B 42 7.79 18.43 0.08
C VAL B 42 8.42 17.39 -0.84
N LEU B 43 7.61 16.44 -1.30
CA LEU B 43 7.99 15.56 -2.40
C LEU B 43 6.97 15.88 -3.49
N ASP B 44 7.42 16.13 -4.71
CA ASP B 44 6.61 16.47 -5.83
C ASP B 44 6.93 15.55 -7.00
N PHE B 45 6.00 14.67 -7.36
CA PHE B 45 6.15 13.84 -8.55
C PHE B 45 5.64 14.70 -9.70
N ARG B 46 6.54 15.02 -10.63
CA ARG B 46 6.21 16.06 -11.59
C ARG B 46 6.00 15.49 -12.96
N ARG B 47 5.08 16.09 -13.69
CA ARG B 47 4.92 15.83 -15.13
C ARG B 47 5.06 17.20 -15.82
N GLY B 48 6.23 17.47 -16.35
CA GLY B 48 6.54 18.81 -16.85
C GLY B 48 6.45 19.78 -15.70
N ASN B 49 5.67 20.84 -15.87
CA ASN B 49 5.46 21.81 -14.78
C ASN B 49 4.23 21.46 -13.93
N ASP B 50 3.62 20.33 -14.23
CA ASP B 50 2.46 19.89 -13.47
C ASP B 50 2.98 19.01 -12.33
N VAL B 51 2.21 18.91 -11.26
CA VAL B 51 2.63 18.03 -10.16
C VAL B 51 1.57 16.93 -10.01
N ALA B 52 1.94 15.70 -10.37
CA ALA B 52 0.96 14.58 -10.27
C ALA B 52 0.52 14.27 -8.81
N PHE B 53 1.51 14.38 -7.92
CA PHE B 53 1.35 14.10 -6.50
C PHE B 53 2.34 14.90 -5.73
N HIS B 54 1.79 15.81 -4.93
CA HIS B 54 2.51 16.71 -4.04
C HIS B 54 2.20 16.17 -2.65
N PHE B 55 3.24 15.83 -1.89
CA PHE B 55 3.12 15.30 -0.54
C PHE B 55 3.78 16.31 0.39
N ASN B 56 2.99 16.97 1.24
CA ASN B 56 3.58 18.16 1.97
C ASN B 56 3.27 18.12 3.49
N PRO B 57 4.16 17.52 4.30
CA PRO B 57 4.11 17.62 5.76
C PRO B 57 4.32 19.11 6.17
N ARG B 58 3.42 19.61 7.02
CA ARG B 58 3.46 21.00 7.52
C ARG B 58 3.59 20.83 9.03
N PHE B 59 4.65 21.43 9.60
CA PHE B 59 4.86 21.29 11.04
C PHE B 59 4.01 22.22 11.90
N ASN B 60 3.45 23.23 11.29
CA ASN B 60 2.60 24.16 12.03
C ASN B 60 1.60 24.86 11.11
N GLU B 61 0.45 24.28 10.99
CA GLU B 61 -0.59 24.94 10.28
C GLU B 61 -1.64 25.12 11.35
N ASN B 62 -1.86 26.36 11.73
CA ASN B 62 -2.86 26.69 12.74
C ASN B 62 -2.57 25.89 13.99
N ASN B 63 -1.29 25.81 14.32
CA ASN B 63 -0.82 25.10 15.53
C ASN B 63 -1.00 23.59 15.50
N ARG B 64 -1.23 23.01 14.32
CA ARG B 64 -1.31 21.56 14.21
C ARG B 64 -0.24 21.10 13.20
N ARG B 65 0.12 19.85 13.30
CA ARG B 65 0.96 19.22 12.26
C ARG B 65 0.05 18.43 11.36
N VAL B 66 0.28 18.52 10.06
CA VAL B 66 -0.68 17.88 9.17
C VAL B 66 0.09 17.55 7.88
N ILE B 67 -0.24 16.47 7.20
CA ILE B 67 0.31 16.33 5.85
C ILE B 67 -0.78 16.60 4.82
N VAL B 68 -0.48 17.46 3.87
CA VAL B 68 -1.42 17.84 2.84
C VAL B 68 -0.94 17.24 1.54
N CYS B 69 -1.85 16.58 0.82
CA CYS B 69 -1.52 16.05 -0.50
C CYS B 69 -2.47 16.63 -1.53
N ASN B 70 -1.96 16.78 -2.75
CA ASN B 70 -2.77 17.36 -3.80
C ASN B 70 -2.09 17.18 -5.11
N THR B 71 -2.74 17.71 -6.15
CA THR B 71 -2.24 17.63 -7.53
C THR B 71 -2.32 19.05 -8.17
N LYS B 72 -1.30 19.41 -8.94
CA LYS B 72 -1.28 20.75 -9.65
C LYS B 72 -1.29 20.46 -11.16
N GLN B 73 -2.28 20.99 -11.86
CA GLN B 73 -2.32 20.84 -13.28
C GLN B 73 -2.63 22.26 -13.79
N ASP B 74 -1.85 22.67 -14.78
CA ASP B 74 -1.99 23.98 -15.39
C ASP B 74 -1.98 25.03 -14.32
N ASN B 75 -0.96 24.96 -13.46
CA ASN B 75 -0.80 25.97 -12.46
C ASN B 75 -2.01 26.08 -11.54
N ASN B 76 -2.85 25.06 -11.50
CA ASN B 76 -3.93 25.06 -10.51
C ASN B 76 -3.92 23.83 -9.59
N TRP B 77 -4.01 24.08 -8.27
CA TRP B 77 -4.23 22.99 -7.29
C TRP B 77 -5.63 22.40 -7.35
N GLY B 78 -5.77 21.15 -6.93
CA GLY B 78 -7.08 20.50 -6.82
C GLY B 78 -7.60 20.44 -5.40
N LYS B 79 -8.43 19.45 -5.07
CA LYS B 79 -8.96 19.18 -3.76
C LYS B 79 -7.88 18.55 -2.87
N GLU B 80 -7.67 19.07 -1.69
CA GLU B 80 -6.61 18.57 -0.82
C GLU B 80 -7.11 17.25 -0.18
N GLU B 81 -6.13 16.42 0.07
CA GLU B 81 -6.32 15.23 0.94
C GLU B 81 -5.41 15.42 2.12
N ARG B 82 -5.96 15.34 3.33
CA ARG B 82 -5.24 15.65 4.57
C ARG B 82 -5.22 14.45 5.57
N GLN B 83 -4.10 14.31 6.26
CA GLN B 83 -3.79 13.18 7.14
C GLN B 83 -3.08 13.75 8.36
N SER B 84 -3.50 13.36 9.56
CA SER B 84 -2.83 13.85 10.78
C SER B 84 -1.82 12.92 11.36
N ALA B 85 -1.81 11.64 10.97
CA ALA B 85 -0.69 10.82 11.41
C ALA B 85 0.56 11.55 10.88
N PHE B 86 1.54 11.78 11.76
CA PHE B 86 2.67 12.67 11.40
C PHE B 86 3.96 12.07 11.94
N PRO B 87 4.62 11.20 11.17
CA PRO B 87 5.71 10.42 11.70
C PRO B 87 7.06 11.14 11.77
N PHE B 88 7.10 12.40 11.38
CA PHE B 88 8.37 13.18 11.26
C PHE B 88 8.61 13.91 12.58
N GLU B 89 9.87 13.96 13.00
CA GLU B 89 10.24 14.71 14.20
C GLU B 89 11.46 15.58 13.85
N SER B 90 11.44 16.84 14.26
CA SER B 90 12.55 17.79 14.01
C SER B 90 13.84 17.24 14.53
N GLY B 91 14.85 17.28 13.66
CA GLY B 91 16.10 16.78 13.98
C GLY B 91 16.26 15.30 13.82
N LYS B 92 15.20 14.57 13.46
CA LYS B 92 15.38 13.12 13.49
C LYS B 92 15.48 12.50 12.08
N PRO B 93 16.25 11.42 11.90
CA PRO B 93 16.32 10.68 10.61
C PRO B 93 14.98 10.05 10.24
N PHE B 94 14.70 9.87 8.95
CA PHE B 94 13.41 9.28 8.50
C PHE B 94 13.75 8.49 7.22
N LYS B 95 12.87 7.54 6.88
CA LYS B 95 12.97 6.82 5.66
C LYS B 95 11.55 6.97 5.09
N ILE B 96 11.40 7.56 3.90
CA ILE B 96 10.08 7.63 3.31
C ILE B 96 10.13 6.65 2.16
N GLN B 97 9.10 5.83 1.99
CA GLN B 97 9.04 4.96 0.82
C GLN B 97 7.74 5.20 0.10
N VAL B 98 7.84 5.53 -1.18
CA VAL B 98 6.67 5.65 -1.98
C VAL B 98 6.57 4.51 -2.97
N LEU B 99 5.44 3.79 -2.89
CA LEU B 99 5.20 2.66 -3.79
C LEU B 99 4.15 3.13 -4.81
N VAL B 100 4.50 2.98 -6.11
CA VAL B 100 3.59 3.34 -7.16
C VAL B 100 2.81 2.07 -7.53
N GLU B 101 1.52 2.17 -7.44
CA GLU B 101 0.63 1.12 -7.97
C GLU B 101 -0.15 1.64 -9.16
N ALA B 102 -0.86 0.75 -9.81
CA ALA B 102 -1.58 1.16 -11.07
C ALA B 102 -2.62 2.24 -10.84
N ASP B 103 -3.22 2.25 -9.63
CA ASP B 103 -4.30 3.21 -9.32
C ASP B 103 -4.00 4.25 -8.30
N HIS B 104 -2.94 4.04 -7.49
CA HIS B 104 -2.57 5.05 -6.52
C HIS B 104 -1.05 5.02 -6.17
N PHE B 105 -0.63 6.05 -5.41
CA PHE B 105 0.66 6.04 -4.71
C PHE B 105 0.37 5.58 -3.28
N LYS B 106 1.24 4.74 -2.73
CA LYS B 106 1.14 4.44 -1.30
C LYS B 106 2.42 4.91 -0.61
N VAL B 107 2.31 5.60 0.53
CA VAL B 107 3.51 6.16 1.23
C VAL B 107 3.65 5.47 2.57
N ALA B 108 4.87 5.07 2.91
CA ALA B 108 5.12 4.50 4.28
C ALA B 108 6.33 5.25 4.84
N VAL B 109 6.37 5.47 6.16
CA VAL B 109 7.51 6.18 6.74
C VAL B 109 7.99 5.27 7.86
N ASN B 110 9.30 5.06 7.88
CA ASN B 110 9.92 4.16 8.80
C ASN B 110 9.22 2.78 8.78
N ASP B 111 8.98 2.24 7.57
CA ASP B 111 8.34 0.94 7.33
C ASP B 111 6.87 0.81 7.75
N ALA B 112 6.24 1.89 8.18
CA ALA B 112 4.84 1.85 8.61
C ALA B 112 4.02 2.57 7.61
N HIS B 113 2.94 1.92 7.19
CA HIS B 113 1.94 2.55 6.32
C HIS B 113 1.42 3.91 6.80
N LEU B 114 1.46 4.92 5.91
CA LEU B 114 1.02 6.29 6.27
C LEU B 114 -0.23 6.71 5.55
N LEU B 115 -0.19 6.65 4.20
CA LEU B 115 -1.32 7.11 3.45
C LEU B 115 -1.28 6.56 2.02
N GLN B 116 -2.41 6.71 1.29
CA GLN B 116 -2.47 6.43 -0.11
C GLN B 116 -3.08 7.66 -0.83
N TYR B 117 -2.76 7.78 -2.11
CA TYR B 117 -3.22 8.95 -2.91
C TYR B 117 -3.54 8.40 -4.32
N ASN B 118 -4.82 8.39 -4.64
CA ASN B 118 -5.23 7.84 -5.94
C ASN B 118 -4.70 8.72 -7.08
N HIS B 119 -4.25 8.10 -8.16
CA HIS B 119 -3.80 8.88 -9.34
C HIS B 119 -4.93 9.78 -9.89
N ARG B 120 -4.61 11.05 -10.12
CA ARG B 120 -5.47 11.98 -10.81
C ARG B 120 -5.01 12.11 -12.22
N MET B 121 -3.71 12.20 -12.40
CA MET B 121 -3.07 12.22 -13.70
C MET B 121 -2.72 10.79 -14.00
N LYS B 122 -3.29 10.30 -15.07
CA LYS B 122 -3.29 8.86 -15.33
C LYS B 122 -2.18 8.46 -16.25
N ASN B 123 -1.49 9.40 -16.83
CA ASN B 123 -0.45 9.07 -17.78
C ASN B 123 0.88 8.89 -17.01
N LEU B 124 1.01 7.72 -16.37
CA LEU B 124 2.21 7.47 -15.53
C LEU B 124 3.52 7.59 -16.26
N ARG B 125 3.56 7.29 -17.60
CA ARG B 125 4.88 7.31 -18.28
C ARG B 125 5.46 8.72 -18.29
N GLU B 126 4.59 9.71 -18.18
CA GLU B 126 5.02 11.15 -18.33
C GLU B 126 5.50 11.76 -16.99
N ILE B 127 5.33 11.02 -15.89
CA ILE B 127 5.86 11.51 -14.61
C ILE B 127 7.35 11.25 -14.54
N SER B 128 8.17 12.23 -14.85
CA SER B 128 9.54 11.85 -15.10
C SER B 128 10.54 12.47 -14.12
N GLN B 129 10.03 13.04 -13.03
CA GLN B 129 10.92 13.62 -12.01
C GLN B 129 10.31 13.59 -10.64
N LEU B 130 11.10 13.42 -9.62
CA LEU B 130 10.58 13.57 -8.26
C LEU B 130 11.36 14.66 -7.58
N GLY B 131 10.67 15.75 -7.24
CA GLY B 131 11.36 16.91 -6.61
C GLY B 131 11.33 16.68 -5.10
N ILE B 132 12.48 16.77 -4.42
CA ILE B 132 12.54 16.59 -2.99
C ILE B 132 13.07 17.89 -2.37
N SER B 133 12.25 18.52 -1.53
CA SER B 133 12.67 19.77 -0.94
C SER B 133 12.07 20.11 0.39
N GLY B 134 12.40 21.30 0.86
CA GLY B 134 11.96 21.72 2.16
C GLY B 134 13.03 21.51 3.19
N ASP B 135 12.59 21.38 4.44
CA ASP B 135 13.49 21.55 5.55
C ASP B 135 14.09 20.19 5.95
N ILE B 136 14.96 19.63 5.07
CA ILE B 136 15.55 18.29 5.35
C ILE B 136 16.97 18.33 4.85
N THR B 137 17.79 17.43 5.39
CA THR B 137 19.04 16.98 4.76
C THR B 137 18.76 15.64 4.14
N LEU B 138 19.36 15.40 3.00
CA LEU B 138 19.06 14.24 2.20
C LEU B 138 20.32 13.40 2.13
N THR B 139 20.17 12.15 2.49
CA THR B 139 21.24 11.17 2.50
C THR B 139 21.20 10.32 1.26
N SER B 140 20.02 9.92 0.81
CA SER B 140 19.97 9.09 -0.38
C SER B 140 18.59 9.11 -0.97
N ALA B 141 18.53 8.87 -2.26
CA ALA B 141 17.24 8.86 -2.93
C ALA B 141 17.31 7.90 -4.11
N ASN B 142 16.62 6.76 -4.04
CA ASN B 142 16.63 5.90 -5.21
C ASN B 142 15.36 5.13 -5.42
N HIS B 143 15.36 4.22 -6.38
CA HIS B 143 14.17 3.38 -6.53
C HIS B 143 14.52 1.99 -6.94
N ALA B 144 13.59 1.09 -6.75
CA ALA B 144 13.76 -0.30 -7.06
C ALA B 144 12.42 -0.82 -7.50
N MET B 145 12.34 -2.05 -8.00
CA MET B 145 11.04 -2.77 -8.20
C MET B 145 10.66 -3.74 -7.07
N ILE B 146 9.41 -3.82 -6.65
CA ILE B 146 9.11 -4.97 -5.79
C ILE B 146 8.09 -6.02 -6.31
#